data_4EAD
#
_entry.id   4EAD
#
_cell.length_a   129.862
_cell.length_b   129.862
_cell.length_c   67.656
_cell.angle_alpha   90.00
_cell.angle_beta   90.00
_cell.angle_gamma   90.00
#
_symmetry.space_group_name_H-M   'P 43 21 2'
#
loop_
_entity.id
_entity.type
_entity.pdbx_description
1 polymer 'Thymidine phosphorylase'
2 non-polymer "2',3'-dideoxy-2'-fluoro-3'-triaza-1,2-dien-2-ium-1-yluridine"
3 non-polymer 'SULFATE ION'
4 non-polymer GLYCEROL
5 water water
#
_entity_poly.entity_id   1
_entity_poly.type   'polypeptide(L)'
_entity_poly.pdbx_seq_one_letter_code
;LFLAQEIIRKKRDGHALSDEEIRFFINGIRDNTISEGQIAALAMTIFFHDMTMPERVSLTMAMRDSGTVLDWKSLHLNGP
IVDKHSTGGVGDVTSLMLGPMVAACGGYIPMISGRGLGHTGGTLDKLESIPGFDIFPDDNRFREIIKDVGVAIIGQTSSL
APADKRFYATRDITATVDSIPLITASILAKKLAEGLDALVMDVKVGSGAFMPTYELSEALAEAIVGVANGAGVRTTALLT
DMNQVLASSAGNAVEVREAVQFLTGEYRNPRLFDVTMALCVEMLISGKLAKDDAEARAKLQAVLDNGKAAEVFGRMVAAQ
KGPTDFVENYAKYLPTAMLTKAVYADTEGFVSEMDTRALGMAVVAMGGGRRQASDTIDYSVGFTDMARLGDQVDGQRPLA
VIHAKDENNWQEAAKAVKAAIKLADKAPESTPTVYRRISE
;
_entity_poly.pdbx_strand_id   A
#
# COMPACT_ATOMS: atom_id res chain seq x y z
N LEU A 1 -3.79 31.79 15.05
CA LEU A 1 -4.91 32.69 14.78
C LEU A 1 -6.15 31.91 14.35
N PHE A 2 -6.76 31.20 15.30
CA PHE A 2 -6.26 31.17 16.67
C PHE A 2 -7.16 30.34 17.57
N LEU A 3 -8.47 30.42 17.32
CA LEU A 3 -9.45 29.67 18.11
C LEU A 3 -9.86 28.37 17.41
N ALA A 4 -9.85 27.25 18.12
CA ALA A 4 -10.26 26.01 17.46
C ALA A 4 -11.73 26.02 17.12
N GLN A 5 -12.55 26.47 18.05
CA GLN A 5 -13.97 26.46 17.80
C GLN A 5 -14.35 27.46 16.71
N GLU A 6 -13.64 28.59 16.66
CA GLU A 6 -13.89 29.59 15.65
C GLU A 6 -13.53 29.04 14.28
N ILE A 7 -12.45 28.29 14.21
CA ILE A 7 -12.05 27.67 12.95
C ILE A 7 -13.08 26.62 12.48
N ILE A 8 -13.57 25.81 13.42
CA ILE A 8 -14.65 24.86 13.11
C ILE A 8 -15.88 25.60 12.58
N ARG A 9 -16.26 26.66 13.27
CA ARG A 9 -17.44 27.43 12.86
C ARG A 9 -17.28 28.02 11.44
N LYS A 10 -16.08 28.53 11.14
CA LYS A 10 -15.80 29.14 9.85
C LYS A 10 -15.99 28.11 8.74
N LYS A 11 -15.43 26.91 8.94
CA LYS A 11 -15.57 25.84 7.98
C LYS A 11 -17.00 25.31 7.89
N ARG A 12 -17.65 25.17 9.05
CA ARG A 12 -19.06 24.78 9.14
C ARG A 12 -19.95 25.65 8.25
N ASP A 13 -19.68 26.96 8.27
CA ASP A 13 -20.50 27.91 7.54
C ASP A 13 -20.03 28.11 6.09
N GLY A 14 -19.18 27.20 5.62
CA GLY A 14 -18.81 27.15 4.21
C GLY A 14 -17.71 28.09 3.74
N HIS A 15 -16.93 28.67 4.65
CA HIS A 15 -15.81 29.54 4.27
C HIS A 15 -14.56 28.72 4.12
N ALA A 16 -13.64 29.17 3.28
CA ALA A 16 -12.35 28.54 3.18
C ALA A 16 -11.46 28.97 4.34
N LEU A 17 -10.69 28.03 4.86
CA LEU A 17 -9.75 28.31 5.94
C LEU A 17 -8.44 28.82 5.39
N SER A 18 -7.80 29.73 6.12
CA SER A 18 -6.50 30.25 5.69
C SER A 18 -5.41 29.25 6.05
N ASP A 19 -4.24 29.40 5.42
CA ASP A 19 -3.08 28.60 5.78
C ASP A 19 -2.78 28.75 7.28
N GLU A 20 -2.88 29.97 7.79
CA GLU A 20 -2.59 30.21 9.20
C GLU A 20 -3.55 29.45 10.12
N GLU A 21 -4.85 29.47 9.79
CA GLU A 21 -5.86 28.72 10.57
C GLU A 21 -5.61 27.22 10.53
N ILE A 22 -5.28 26.71 9.34
CA ILE A 22 -5.04 25.28 9.17
C ILE A 22 -3.79 24.85 9.93
N ARG A 23 -2.71 25.62 9.82
CA ARG A 23 -1.51 25.33 10.59
C ARG A 23 -1.73 25.38 12.10
N PHE A 24 -2.48 26.38 12.59
CA PHE A 24 -2.83 26.45 14.00
C PHE A 24 -3.56 25.17 14.44
N PHE A 25 -4.56 24.76 13.67
CA PHE A 25 -5.37 23.59 14.05
C PHE A 25 -4.51 22.32 14.08
N ILE A 26 -3.69 22.14 13.06
CA ILE A 26 -2.85 20.93 12.97
C ILE A 26 -1.83 20.92 14.12
N ASN A 27 -1.27 22.09 14.45
CA ASN A 27 -0.40 22.18 15.63
C ASN A 27 -1.09 21.78 16.93
N GLY A 28 -2.35 22.20 17.07
CA GLY A 28 -3.15 21.94 18.26
C GLY A 28 -3.45 20.47 18.37
N ILE A 29 -3.63 19.80 17.22
CA ILE A 29 -3.78 18.34 17.21
C ILE A 29 -2.50 17.66 17.73
N ARG A 30 -1.36 18.04 17.15
CA ARG A 30 -0.04 17.53 17.54
C ARG A 30 0.24 17.71 19.04
N ASP A 31 -0.04 18.89 19.58
N ASP A 31 -0.11 18.91 19.53
CA ASP A 31 0.30 19.11 20.98
CA ASP A 31 0.09 19.37 20.92
C ASP A 31 -0.87 18.90 21.95
C ASP A 31 -0.77 18.68 21.95
N ASN A 32 -1.90 18.17 21.49
CA ASN A 32 -2.98 17.70 22.35
C ASN A 32 -3.71 18.85 23.06
N THR A 33 -3.72 20.02 22.44
CA THR A 33 -4.49 21.15 22.97
C THR A 33 -5.85 21.28 22.29
N ILE A 34 -6.06 20.50 21.23
CA ILE A 34 -7.34 20.46 20.54
C ILE A 34 -7.91 19.06 20.75
N SER A 35 -9.16 19.01 21.18
CA SER A 35 -9.76 17.78 21.69
C SER A 35 -10.25 16.89 20.56
N GLU A 36 -10.50 15.63 20.88
CA GLU A 36 -11.08 14.68 19.92
C GLU A 36 -12.38 15.18 19.31
N GLY A 37 -13.26 15.74 20.14
CA GLY A 37 -14.50 16.34 19.63
C GLY A 37 -14.24 17.41 18.58
N GLN A 38 -13.27 18.28 18.85
CA GLN A 38 -12.93 19.34 17.90
C GLN A 38 -12.34 18.81 16.59
N ILE A 39 -11.47 17.79 16.68
CA ILE A 39 -10.95 17.14 15.49
C ILE A 39 -12.11 16.56 14.66
N ALA A 40 -13.01 15.82 15.31
CA ALA A 40 -14.14 15.16 14.64
C ALA A 40 -15.06 16.19 14.00
N ALA A 41 -15.33 17.28 14.73
CA ALA A 41 -16.17 18.33 14.18
C ALA A 41 -15.57 18.96 12.91
N LEU A 42 -14.28 19.32 12.97
CA LEU A 42 -13.61 19.85 11.77
C LEU A 42 -13.65 18.83 10.64
N ALA A 43 -13.34 17.57 10.95
CA ALA A 43 -13.33 16.53 9.92
C ALA A 43 -14.69 16.46 9.23
N MET A 44 -15.76 16.51 10.02
CA MET A 44 -17.10 16.44 9.45
C MET A 44 -17.46 17.67 8.61
N THR A 45 -17.05 18.86 9.04
CA THR A 45 -17.24 20.04 8.17
C THR A 45 -16.51 19.91 6.83
N ILE A 46 -15.34 19.27 6.84
CA ILE A 46 -14.59 19.03 5.61
C ILE A 46 -15.27 17.95 4.75
N PHE A 47 -15.81 16.92 5.39
CA PHE A 47 -16.62 15.95 4.68
C PHE A 47 -17.74 16.66 3.91
N PHE A 48 -18.46 17.58 4.57
CA PHE A 48 -19.59 18.26 3.94
C PHE A 48 -19.25 19.34 2.92
N HIS A 49 -18.26 20.17 3.24
CA HIS A 49 -17.95 21.34 2.40
C HIS A 49 -16.80 21.15 1.46
N ASP A 50 -16.05 20.07 1.64
CA ASP A 50 -14.81 19.82 0.87
C ASP A 50 -13.78 20.92 1.17
N MET A 51 -12.68 20.90 0.43
CA MET A 51 -11.62 21.91 0.53
C MET A 51 -11.14 22.28 -0.86
N THR A 52 -10.83 23.57 -1.04
CA THR A 52 -10.25 24.05 -2.28
C THR A 52 -8.80 23.56 -2.37
N MET A 53 -8.19 23.74 -3.53
CA MET A 53 -6.80 23.34 -3.69
C MET A 53 -5.85 24.02 -2.67
N PRO A 54 -5.92 25.36 -2.50
CA PRO A 54 -5.04 25.95 -1.47
C PRO A 54 -5.26 25.36 -0.07
N GLU A 55 -6.50 25.02 0.28
CA GLU A 55 -6.80 24.41 1.57
C GLU A 55 -6.20 23.01 1.67
N ARG A 56 -6.36 22.24 0.59
CA ARG A 56 -5.79 20.89 0.56
C ARG A 56 -4.27 20.90 0.69
N VAL A 57 -3.63 21.80 -0.04
CA VAL A 57 -2.19 22.02 0.07
C VAL A 57 -1.78 22.40 1.50
N SER A 58 -2.47 23.39 2.07
CA SER A 58 -2.16 23.86 3.43
C SER A 58 -2.29 22.73 4.45
N LEU A 59 -3.36 21.95 4.34
CA LEU A 59 -3.62 20.83 5.26
C LEU A 59 -2.50 19.78 5.15
N THR A 60 -2.15 19.43 3.92
CA THR A 60 -1.09 18.46 3.68
C THR A 60 0.26 18.93 4.24
N MET A 61 0.65 20.18 3.92
CA MET A 61 1.95 20.69 4.36
C MET A 61 2.00 20.83 5.87
N ALA A 62 0.91 21.27 6.49
CA ALA A 62 0.87 21.42 7.96
C ALA A 62 1.07 20.06 8.60
N MET A 63 0.40 19.03 8.08
CA MET A 63 0.53 17.69 8.65
C MET A 63 1.93 17.10 8.43
N ARG A 64 2.49 17.30 7.23
CA ARG A 64 3.88 16.94 6.96
C ARG A 64 4.83 17.60 7.96
N ASP A 65 4.63 18.90 8.18
CA ASP A 65 5.52 19.71 9.02
C ASP A 65 5.31 19.51 10.50
N SER A 66 4.33 18.69 10.88
CA SER A 66 4.02 18.51 12.30
C SER A 66 5.09 17.69 13.03
N GLY A 67 5.97 17.04 12.28
CA GLY A 67 7.03 16.24 12.89
C GLY A 67 8.31 16.22 12.10
N THR A 68 9.10 15.17 12.27
CA THR A 68 10.34 14.96 11.53
C THR A 68 10.11 14.87 10.02
N VAL A 69 10.92 15.60 9.27
CA VAL A 69 10.99 15.44 7.82
C VAL A 69 12.41 15.04 7.46
N LEU A 70 12.54 13.92 6.75
CA LEU A 70 13.84 13.40 6.37
C LEU A 70 14.46 14.22 5.25
N ASP A 71 15.78 14.33 5.29
CA ASP A 71 16.53 14.96 4.20
C ASP A 71 17.74 14.12 3.86
N TRP A 72 17.92 13.90 2.56
CA TRP A 72 18.91 12.96 2.06
C TRP A 72 20.09 13.62 1.40
N LYS A 73 19.98 14.93 1.14
CA LYS A 73 21.02 15.71 0.47
C LYS A 73 22.41 15.49 1.07
N SER A 74 22.48 15.46 2.40
CA SER A 74 23.76 15.40 3.13
C SER A 74 24.51 14.05 3.05
N LEU A 75 23.88 13.03 2.46
CA LEU A 75 24.53 11.76 2.17
C LEU A 75 25.17 11.76 0.79
N HIS A 76 24.86 12.79 0.00
CA HIS A 76 25.38 12.97 -1.37
C HIS A 76 25.28 11.72 -2.20
N LEU A 77 24.08 11.19 -2.25
CA LEU A 77 23.77 10.01 -3.01
C LEU A 77 23.76 10.36 -4.49
N ASN A 78 24.03 9.37 -5.32
N ASN A 78 24.00 9.35 -5.30
CA ASN A 78 23.98 9.57 -6.76
CA ASN A 78 24.02 9.46 -6.74
C ASN A 78 22.76 8.92 -7.35
C ASN A 78 22.75 8.89 -7.35
N GLY A 79 21.58 9.39 -6.94
CA GLY A 79 20.35 8.93 -7.50
C GLY A 79 19.19 9.61 -6.81
N PRO A 80 18.00 9.54 -7.40
CA PRO A 80 16.82 10.20 -6.87
C PRO A 80 16.23 9.46 -5.66
N ILE A 81 15.61 10.23 -4.77
CA ILE A 81 14.85 9.66 -3.67
C ILE A 81 13.43 9.50 -4.22
N VAL A 82 12.96 8.27 -4.26
CA VAL A 82 11.70 8.00 -4.94
C VAL A 82 10.93 6.93 -4.18
N ASP A 83 9.61 6.97 -4.26
CA ASP A 83 8.79 6.02 -3.50
C ASP A 83 7.45 5.76 -4.18
N LYS A 84 6.72 4.79 -3.64
CA LYS A 84 5.40 4.36 -4.14
C LYS A 84 4.49 4.25 -2.95
N HIS A 85 3.23 4.62 -3.15
CA HIS A 85 2.19 4.30 -2.18
C HIS A 85 0.97 3.74 -2.87
N SER A 86 0.30 2.81 -2.21
CA SER A 86 -0.94 2.21 -2.71
C SER A 86 -2.08 2.49 -1.73
N THR A 87 -3.30 2.66 -2.25
CA THR A 87 -4.47 2.76 -1.36
C THR A 87 -4.78 1.44 -0.62
N GLY A 88 -4.24 0.34 -1.12
CA GLY A 88 -4.38 -0.96 -0.46
C GLY A 88 -5.27 -1.93 -1.21
N GLY A 89 -5.04 -3.21 -1.00
CA GLY A 89 -5.90 -4.21 -1.61
C GLY A 89 -5.67 -5.58 -1.03
N VAL A 90 -5.92 -6.59 -1.86
CA VAL A 90 -5.79 -7.97 -1.48
C VAL A 90 -4.81 -8.57 -2.48
N GLY A 91 -3.74 -9.18 -1.94
CA GLY A 91 -2.63 -9.64 -2.77
C GLY A 91 -1.86 -8.50 -3.40
N ASP A 92 -1.89 -7.33 -2.75
CA ASP A 92 -1.24 -6.13 -3.32
C ASP A 92 0.23 -6.05 -2.86
N VAL A 93 1.03 -7.03 -3.28
CA VAL A 93 2.40 -7.21 -2.74
C VAL A 93 3.49 -6.45 -3.53
N THR A 94 3.07 -5.53 -4.41
CA THR A 94 4.00 -4.91 -5.37
C THR A 94 5.26 -4.34 -4.73
N SER A 95 5.14 -3.70 -3.57
CA SER A 95 6.28 -3.03 -2.94
C SER A 95 7.48 -3.94 -2.69
N LEU A 96 7.21 -5.20 -2.39
CA LEU A 96 8.31 -6.12 -2.08
C LEU A 96 9.24 -6.38 -3.26
N MET A 97 8.70 -6.26 -4.47
CA MET A 97 9.52 -6.37 -5.68
C MET A 97 9.90 -5.01 -6.23
N LEU A 98 8.98 -4.05 -6.15
CA LEU A 98 9.18 -2.72 -6.72
C LEU A 98 10.34 -1.96 -6.05
N GLY A 99 10.46 -2.07 -4.74
CA GLY A 99 11.54 -1.39 -4.00
C GLY A 99 12.89 -1.87 -4.50
N PRO A 100 13.13 -3.18 -4.44
CA PRO A 100 14.37 -3.74 -4.94
C PRO A 100 14.63 -3.50 -6.43
N MET A 101 13.59 -3.53 -7.26
CA MET A 101 13.78 -3.31 -8.71
C MET A 101 14.26 -1.88 -8.98
N VAL A 102 13.60 -0.91 -8.36
CA VAL A 102 13.97 0.49 -8.57
C VAL A 102 15.33 0.80 -7.94
N ALA A 103 15.62 0.22 -6.79
CA ALA A 103 16.95 0.39 -6.16
C ALA A 103 18.05 -0.16 -7.08
N ALA A 104 17.77 -1.30 -7.72
CA ALA A 104 18.74 -1.92 -8.61
C ALA A 104 18.96 -1.05 -9.85
N CYS A 105 17.98 -0.19 -10.17
CA CYS A 105 18.11 0.75 -11.30
C CYS A 105 18.66 2.12 -10.92
N GLY A 106 19.09 2.27 -9.66
CA GLY A 106 19.77 3.49 -9.22
C GLY A 106 18.93 4.47 -8.38
N GLY A 107 17.73 4.05 -7.99
CA GLY A 107 16.89 4.87 -7.11
C GLY A 107 17.16 4.58 -5.64
N TYR A 108 16.72 5.48 -4.78
CA TYR A 108 16.80 5.30 -3.32
C TYR A 108 15.39 5.42 -2.76
N ILE A 109 14.95 4.40 -2.03
CA ILE A 109 13.53 4.22 -1.70
C ILE A 109 13.37 4.07 -0.18
N PRO A 110 13.11 5.20 0.50
CA PRO A 110 12.93 5.18 1.95
C PRO A 110 11.44 4.95 2.26
N MET A 111 10.99 3.70 2.08
CA MET A 111 9.56 3.42 2.09
C MET A 111 8.96 3.28 3.49
N ILE A 112 8.22 4.30 3.92
CA ILE A 112 7.45 4.21 5.15
C ILE A 112 6.08 3.68 4.76
N SER A 113 5.81 2.43 5.17
CA SER A 113 4.60 1.73 4.77
C SER A 113 3.67 1.57 5.99
N GLY A 114 2.80 0.58 5.93
CA GLY A 114 1.76 0.44 6.96
C GLY A 114 1.38 -1.00 7.24
N ARG A 115 0.64 -1.19 8.32
CA ARG A 115 0.06 -2.47 8.64
C ARG A 115 -1.27 -2.62 7.92
N GLY A 116 -1.84 -3.83 7.97
CA GLY A 116 -3.16 -4.04 7.37
C GLY A 116 -4.23 -3.20 8.06
N LEU A 117 -5.23 -2.79 7.28
CA LEU A 117 -6.40 -2.05 7.78
C LEU A 117 -7.65 -2.60 7.13
N GLY A 118 -8.73 -2.71 7.92
CA GLY A 118 -10.01 -3.16 7.36
C GLY A 118 -9.80 -4.49 6.66
N HIS A 119 -10.13 -4.56 5.38
CA HIS A 119 -10.01 -5.82 4.64
C HIS A 119 -8.70 -5.98 3.90
N THR A 120 -7.81 -4.98 3.97
CA THR A 120 -6.62 -5.01 3.11
C THR A 120 -5.38 -5.48 3.86
N GLY A 121 -4.47 -6.13 3.13
CA GLY A 121 -3.19 -6.53 3.70
C GLY A 121 -2.29 -5.32 3.94
N GLY A 122 -1.24 -5.53 4.70
CA GLY A 122 -0.29 -4.44 4.97
C GLY A 122 1.11 -4.94 4.74
N THR A 123 1.90 -4.15 4.00
CA THR A 123 3.28 -4.51 3.71
C THR A 123 4.12 -4.81 4.97
N LEU A 124 3.91 -4.04 6.04
CA LEU A 124 4.68 -4.26 7.26
C LEU A 124 4.33 -5.58 7.93
N ASP A 125 3.06 -5.97 7.89
CA ASP A 125 2.67 -7.24 8.47
C ASP A 125 3.24 -8.40 7.62
N LYS A 126 3.26 -8.23 6.30
CA LYS A 126 3.80 -9.28 5.44
C LYS A 126 5.30 -9.47 5.76
N LEU A 127 6.01 -8.35 5.90
CA LEU A 127 7.45 -8.39 6.18
C LEU A 127 7.75 -9.00 7.54
N GLU A 128 6.82 -8.83 8.49
CA GLU A 128 7.02 -9.38 9.83
C GLU A 128 6.79 -10.90 9.88
N SER A 129 6.42 -11.50 8.74
CA SER A 129 6.51 -12.97 8.64
C SER A 129 7.97 -13.46 8.48
N ILE A 130 8.88 -12.55 8.16
CA ILE A 130 10.29 -12.91 7.99
C ILE A 130 10.95 -12.83 9.37
N PRO A 131 11.49 -13.95 9.87
CA PRO A 131 12.03 -13.91 11.24
C PRO A 131 13.17 -12.92 11.38
N GLY A 132 13.10 -12.09 12.42
CA GLY A 132 14.13 -11.10 12.71
C GLY A 132 13.94 -9.76 12.01
N PHE A 133 13.16 -9.73 10.93
CA PHE A 133 12.99 -8.50 10.16
C PHE A 133 12.47 -7.36 11.05
N ASP A 134 13.19 -6.26 11.04
CA ASP A 134 12.97 -5.12 11.92
C ASP A 134 12.41 -3.93 11.14
N ILE A 135 11.14 -3.63 11.33
CA ILE A 135 10.52 -2.50 10.66
C ILE A 135 10.78 -1.15 11.35
N PHE A 136 11.49 -1.17 12.48
CA PHE A 136 11.77 0.05 13.25
C PHE A 136 13.27 0.27 13.52
N PRO A 137 14.11 0.36 12.46
CA PRO A 137 15.51 0.70 12.72
C PRO A 137 15.60 2.12 13.28
N ASP A 138 16.67 2.44 14.01
CA ASP A 138 16.79 3.83 14.46
C ASP A 138 17.17 4.75 13.30
N ASP A 139 17.11 6.05 13.52
CA ASP A 139 17.25 7.02 12.44
C ASP A 139 18.52 6.87 11.65
N ASN A 140 19.62 6.72 12.36
CA ASN A 140 20.89 6.59 11.67
C ASN A 140 21.09 5.26 10.97
N ARG A 141 20.54 4.20 11.55
CA ARG A 141 20.56 2.89 10.90
C ARG A 141 19.74 2.90 9.61
N PHE A 142 18.57 3.54 9.63
CA PHE A 142 17.75 3.67 8.42
C PHE A 142 18.56 4.37 7.32
N ARG A 143 19.24 5.45 7.69
CA ARG A 143 20.07 6.18 6.73
C ARG A 143 21.17 5.30 6.17
N GLU A 144 21.82 4.51 7.04
CA GLU A 144 22.86 3.56 6.61
C GLU A 144 22.33 2.58 5.58
N ILE A 145 21.15 2.03 5.84
CA ILE A 145 20.56 1.02 4.94
C ILE A 145 20.22 1.63 3.58
N ILE A 146 19.62 2.81 3.57
CA ILE A 146 19.28 3.48 2.31
C ILE A 146 20.55 3.73 1.49
N LYS A 147 21.60 4.23 2.14
CA LYS A 147 22.87 4.50 1.47
C LYS A 147 23.47 3.21 0.90
N ASP A 148 23.46 2.14 1.70
CA ASP A 148 24.20 0.92 1.35
C ASP A 148 23.42 0.00 0.40
N VAL A 149 22.12 -0.18 0.67
CA VAL A 149 21.27 -1.13 -0.05
C VAL A 149 20.42 -0.43 -1.11
N GLY A 150 19.99 0.79 -0.80
CA GLY A 150 19.15 1.55 -1.74
C GLY A 150 17.66 1.54 -1.42
N VAL A 151 17.24 0.67 -0.51
CA VAL A 151 15.83 0.55 -0.15
C VAL A 151 15.73 -0.05 1.25
N ALA A 152 14.72 0.38 2.00
CA ALA A 152 14.32 -0.24 3.25
C ALA A 152 12.84 0.04 3.40
N ILE A 153 12.15 -0.87 4.08
CA ILE A 153 10.71 -0.70 4.28
C ILE A 153 10.44 -0.72 5.77
N ILE A 154 9.87 0.38 6.27
CA ILE A 154 9.78 0.63 7.71
C ILE A 154 8.41 1.15 8.13
N GLY A 155 8.17 1.13 9.44
CA GLY A 155 6.97 1.71 10.02
C GLY A 155 7.07 3.20 10.31
N GLN A 156 5.92 3.83 10.58
CA GLN A 156 5.87 5.25 10.97
C GLN A 156 6.21 5.33 12.45
N THR A 157 7.27 6.08 12.77
CA THR A 157 7.68 6.29 14.15
C THR A 157 6.91 7.45 14.74
N SER A 158 6.91 7.54 16.07
CA SER A 158 6.04 8.48 16.74
C SER A 158 6.31 9.91 16.29
N SER A 159 7.51 10.16 15.76
CA SER A 159 7.86 11.52 15.38
C SER A 159 7.57 11.90 13.93
N LEU A 160 7.08 10.95 13.13
CA LEU A 160 6.75 11.25 11.73
C LEU A 160 5.28 11.63 11.59
N ALA A 161 5.01 12.80 11.00
CA ALA A 161 3.65 13.35 10.82
C ALA A 161 2.73 13.02 12.01
N PRO A 162 3.14 13.41 13.23
CA PRO A 162 2.37 13.02 14.42
C PRO A 162 0.95 13.57 14.44
N ALA A 163 0.69 14.71 13.80
CA ALA A 163 -0.68 15.22 13.75
C ALA A 163 -1.63 14.24 13.04
N ASP A 164 -1.09 13.46 12.10
CA ASP A 164 -1.90 12.48 11.38
C ASP A 164 -2.34 11.33 12.27
N LYS A 165 -1.56 11.04 13.31
CA LYS A 165 -1.89 9.96 14.25
C LYS A 165 -3.26 10.16 14.90
N ARG A 166 -3.46 11.28 15.58
CA ARG A 166 -4.76 11.56 16.22
C ARG A 166 -5.83 11.86 15.17
N PHE A 167 -5.44 12.47 14.06
CA PHE A 167 -6.39 12.85 13.03
C PHE A 167 -7.02 11.59 12.42
N TYR A 168 -6.17 10.65 11.99
CA TYR A 168 -6.68 9.41 11.41
C TYR A 168 -7.41 8.57 12.46
N ALA A 169 -6.86 8.48 13.68
CA ALA A 169 -7.55 7.75 14.75
C ALA A 169 -8.97 8.27 14.97
N THR A 170 -9.15 9.59 14.91
CA THR A 170 -10.48 10.18 15.09
C THR A 170 -11.38 9.93 13.88
N ARG A 171 -10.83 10.10 12.69
CA ARG A 171 -11.56 9.84 11.44
C ARG A 171 -12.14 8.43 11.44
N ASP A 172 -11.34 7.48 11.93
CA ASP A 172 -11.69 6.06 11.82
C ASP A 172 -12.75 5.60 12.82
N ILE A 173 -13.20 6.49 13.71
CA ILE A 173 -14.33 6.18 14.61
C ILE A 173 -15.52 7.12 14.42
N THR A 174 -15.41 8.06 13.47
CA THR A 174 -16.42 9.10 13.28
C THR A 174 -16.98 9.20 11.83
N ALA A 175 -16.72 8.16 11.03
CA ALA A 175 -17.15 8.13 9.61
C ALA A 175 -16.65 9.38 8.86
N THR A 176 -15.39 9.74 9.11
CA THR A 176 -14.76 10.82 8.35
C THR A 176 -13.46 10.34 7.70
N VAL A 177 -13.35 9.04 7.47
CA VAL A 177 -12.24 8.53 6.66
C VAL A 177 -12.47 8.90 5.19
N ASP A 178 -13.71 8.71 4.74
CA ASP A 178 -14.09 8.80 3.34
C ASP A 178 -14.26 10.25 2.88
N SER A 179 -13.12 10.94 2.76
CA SER A 179 -13.08 12.33 2.31
C SER A 179 -11.79 12.50 1.53
N ILE A 180 -11.91 12.90 0.26
CA ILE A 180 -10.73 13.12 -0.59
C ILE A 180 -9.67 14.08 0.00
N PRO A 181 -10.07 15.29 0.47
CA PRO A 181 -9.03 16.14 1.08
C PRO A 181 -8.35 15.50 2.30
N LEU A 182 -9.13 14.81 3.13
CA LEU A 182 -8.54 14.18 4.32
C LEU A 182 -7.63 13.02 3.98
N ILE A 183 -8.03 12.19 3.02
CA ILE A 183 -7.19 11.08 2.54
C ILE A 183 -5.89 11.61 1.93
N THR A 184 -6.02 12.60 1.06
CA THR A 184 -4.88 13.19 0.35
C THR A 184 -3.86 13.70 1.38
N ALA A 185 -4.35 14.48 2.34
CA ALA A 185 -3.46 15.07 3.32
C ALA A 185 -2.81 13.99 4.19
N SER A 186 -3.58 12.97 4.57
CA SER A 186 -3.05 11.90 5.42
C SER A 186 -1.97 11.09 4.70
N ILE A 187 -2.24 10.69 3.45
CA ILE A 187 -1.27 9.92 2.67
C ILE A 187 0.01 10.74 2.44
N LEU A 188 -0.16 11.97 2.00
CA LEU A 188 1.00 12.77 1.61
C LEU A 188 1.77 13.35 2.78
N ALA A 189 1.10 13.54 3.92
CA ALA A 189 1.84 14.01 5.10
C ALA A 189 2.95 13.03 5.43
N LYS A 190 2.64 11.74 5.32
CA LYS A 190 3.63 10.70 5.59
C LYS A 190 4.62 10.53 4.44
N LYS A 191 4.15 10.44 3.20
CA LYS A 191 5.09 10.20 2.11
C LYS A 191 6.00 11.42 1.86
N LEU A 192 5.45 12.64 1.96
CA LEU A 192 6.30 13.82 1.74
C LEU A 192 7.29 14.05 2.88
N ALA A 193 7.01 13.47 4.04
CA ALA A 193 7.98 13.58 5.15
C ALA A 193 9.21 12.72 4.87
N GLU A 194 9.20 11.93 3.79
CA GLU A 194 10.36 11.09 3.44
C GLU A 194 11.43 11.87 2.70
N GLY A 195 11.15 13.12 2.31
CA GLY A 195 12.15 13.93 1.62
C GLY A 195 12.40 13.43 0.20
N LEU A 196 11.31 13.26 -0.54
CA LEU A 196 11.30 12.66 -1.88
C LEU A 196 11.63 13.64 -2.98
N ASP A 197 12.20 13.10 -4.05
CA ASP A 197 12.29 13.78 -5.34
C ASP A 197 11.10 13.40 -6.22
N ALA A 198 10.63 12.16 -6.08
CA ALA A 198 9.58 11.63 -6.97
C ALA A 198 8.72 10.62 -6.23
N LEU A 199 7.50 10.44 -6.74
CA LEU A 199 6.53 9.57 -6.08
C LEU A 199 5.57 9.02 -7.11
N VAL A 200 5.18 7.76 -6.95
CA VAL A 200 4.06 7.22 -7.73
C VAL A 200 2.98 6.75 -6.78
N MET A 201 1.74 7.03 -7.15
N MET A 201 1.74 7.04 -7.14
CA MET A 201 0.61 6.66 -6.33
CA MET A 201 0.58 6.64 -6.36
C MET A 201 -0.20 5.61 -7.08
C MET A 201 -0.18 5.57 -7.11
N ASP A 202 -0.51 4.49 -6.42
CA ASP A 202 -1.35 3.44 -6.96
C ASP A 202 -2.73 3.58 -6.30
N VAL A 203 -3.70 4.07 -7.06
CA VAL A 203 -5.06 4.19 -6.54
C VAL A 203 -5.90 3.05 -7.13
N LYS A 204 -6.43 2.21 -6.24
CA LYS A 204 -7.16 1.03 -6.68
C LYS A 204 -8.57 1.39 -7.16
N VAL A 205 -9.07 0.55 -8.07
CA VAL A 205 -10.41 0.65 -8.62
C VAL A 205 -11.05 -0.73 -8.47
N GLY A 206 -12.31 -0.79 -8.04
CA GLY A 206 -13.02 -2.06 -7.99
C GLY A 206 -13.49 -2.52 -6.62
N SER A 207 -13.98 -3.76 -6.55
CA SER A 207 -14.64 -4.29 -5.35
C SER A 207 -13.70 -4.42 -4.15
N GLY A 208 -12.40 -4.49 -4.42
CA GLY A 208 -11.42 -4.59 -3.34
C GLY A 208 -10.79 -3.24 -3.02
N ALA A 209 -11.23 -2.20 -3.73
CA ALA A 209 -10.67 -0.85 -3.59
C ALA A 209 -11.40 -0.10 -2.51
N PHE A 210 -10.74 0.91 -1.95
CA PHE A 210 -11.44 1.78 -1.04
C PHE A 210 -12.43 2.73 -1.69
N MET A 211 -12.06 3.52 -2.69
N MET A 211 -12.05 3.51 -2.70
CA MET A 211 -13.05 4.43 -3.27
CA MET A 211 -13.02 4.43 -3.29
C MET A 211 -14.13 3.58 -3.94
C MET A 211 -14.12 3.59 -3.98
N PRO A 212 -15.40 3.98 -3.83
CA PRO A 212 -16.51 3.09 -4.24
C PRO A 212 -16.77 3.03 -5.74
N THR A 213 -16.25 4.01 -6.47
CA THR A 213 -16.46 4.06 -7.91
C THR A 213 -15.19 4.47 -8.62
N TYR A 214 -15.14 4.20 -9.93
CA TYR A 214 -14.01 4.60 -10.74
C TYR A 214 -13.80 6.13 -10.71
N GLU A 215 -14.88 6.89 -10.83
CA GLU A 215 -14.77 8.35 -10.87
C GLU A 215 -14.17 8.93 -9.57
N LEU A 216 -14.49 8.34 -8.43
CA LEU A 216 -13.95 8.81 -7.17
C LEU A 216 -12.49 8.38 -6.96
N SER A 217 -12.15 7.17 -7.44
CA SER A 217 -10.74 6.75 -7.52
C SER A 217 -9.94 7.79 -8.31
N GLU A 218 -10.49 8.18 -9.45
CA GLU A 218 -9.90 9.20 -10.31
C GLU A 218 -9.72 10.55 -9.63
N ALA A 219 -10.77 11.05 -8.97
CA ALA A 219 -10.71 12.33 -8.24
C ALA A 219 -9.65 12.29 -7.15
N LEU A 220 -9.54 11.16 -6.46
CA LEU A 220 -8.53 11.02 -5.40
C LEU A 220 -7.13 11.08 -5.99
N ALA A 221 -6.93 10.33 -7.07
CA ALA A 221 -5.65 10.36 -7.80
C ALA A 221 -5.28 11.78 -8.23
N GLU A 222 -6.25 12.52 -8.76
CA GLU A 222 -5.99 13.89 -9.21
C GLU A 222 -5.56 14.80 -8.06
N ALA A 223 -6.22 14.66 -6.91
CA ALA A 223 -5.90 15.47 -5.73
C ALA A 223 -4.47 15.19 -5.27
N ILE A 224 -4.11 13.91 -5.17
CA ILE A 224 -2.78 13.52 -4.68
C ILE A 224 -1.71 14.04 -5.63
N VAL A 225 -1.94 13.86 -6.94
CA VAL A 225 -1.00 14.33 -7.95
C VAL A 225 -0.80 15.85 -7.89
N GLY A 226 -1.91 16.57 -7.80
CA GLY A 226 -1.88 18.03 -7.67
C GLY A 226 -1.09 18.53 -6.46
N VAL A 227 -1.42 18.00 -5.29
CA VAL A 227 -0.78 18.43 -4.04
C VAL A 227 0.72 18.11 -4.05
N ALA A 228 1.09 16.88 -4.42
CA ALA A 228 2.49 16.45 -4.35
C ALA A 228 3.39 17.23 -5.30
N ASN A 229 2.93 17.45 -6.53
CA ASN A 229 3.69 18.26 -7.49
C ASN A 229 3.86 19.70 -7.06
N GLY A 230 2.84 20.24 -6.41
CA GLY A 230 2.93 21.56 -5.82
C GLY A 230 4.03 21.67 -4.79
N ALA A 231 4.32 20.54 -4.12
CA ALA A 231 5.38 20.48 -3.10
C ALA A 231 6.75 20.21 -3.71
N GLY A 232 6.81 20.16 -5.05
CA GLY A 232 8.06 19.95 -5.77
C GLY A 232 8.51 18.51 -5.83
N VAL A 233 7.59 17.59 -5.55
CA VAL A 233 7.85 16.16 -5.71
C VAL A 233 7.17 15.72 -6.99
N ARG A 234 7.97 15.26 -7.96
CA ARG A 234 7.42 14.87 -9.27
C ARG A 234 6.60 13.61 -9.09
N THR A 235 5.30 13.74 -9.30
CA THR A 235 4.33 12.71 -8.92
C THR A 235 3.37 12.36 -10.05
N THR A 236 3.12 11.07 -10.21
CA THR A 236 2.07 10.59 -11.10
C THR A 236 1.28 9.53 -10.33
N ALA A 237 0.12 9.17 -10.88
CA ALA A 237 -0.72 8.15 -10.28
C ALA A 237 -1.19 7.21 -11.36
N LEU A 238 -1.31 5.94 -11.00
CA LEU A 238 -1.96 4.95 -11.85
C LEU A 238 -3.23 4.49 -11.18
N LEU A 239 -4.29 4.36 -11.97
CA LEU A 239 -5.51 3.74 -11.49
C LEU A 239 -5.42 2.27 -11.89
N THR A 240 -5.43 1.38 -10.89
CA THR A 240 -5.18 -0.04 -11.19
C THR A 240 -6.28 -0.95 -10.64
N ASP A 241 -6.37 -2.15 -11.20
CA ASP A 241 -7.52 -3.01 -10.92
C ASP A 241 -7.43 -3.78 -9.60
N MET A 242 -8.53 -3.74 -8.84
CA MET A 242 -8.67 -4.55 -7.63
C MET A 242 -10.05 -5.21 -7.64
N ASN A 243 -10.42 -5.78 -8.78
CA ASN A 243 -11.64 -6.58 -8.90
C ASN A 243 -11.40 -8.07 -8.70
N GLN A 244 -10.15 -8.42 -8.39
CA GLN A 244 -9.79 -9.76 -7.96
C GLN A 244 -8.51 -9.62 -7.19
N VAL A 245 -8.01 -10.73 -6.65
CA VAL A 245 -6.70 -10.71 -5.96
C VAL A 245 -5.63 -10.37 -7.01
N LEU A 246 -4.68 -9.49 -6.66
CA LEU A 246 -3.67 -9.03 -7.64
C LEU A 246 -2.56 -10.08 -7.81
N ALA A 247 -1.90 -10.41 -6.71
CA ALA A 247 -1.00 -11.59 -6.70
C ALA A 247 -1.84 -12.87 -6.82
N SER A 248 -1.16 -14.00 -6.90
CA SER A 248 -1.81 -15.32 -6.79
C SER A 248 -2.03 -15.78 -5.35
N SER A 249 -1.67 -14.94 -4.38
CA SER A 249 -1.74 -15.27 -2.98
C SER A 249 -2.23 -14.07 -2.17
N ALA A 250 -2.76 -14.36 -0.98
CA ALA A 250 -3.21 -13.31 -0.05
C ALA A 250 -2.90 -13.77 1.36
N GLY A 251 -2.18 -12.94 2.11
CA GLY A 251 -1.77 -13.32 3.45
C GLY A 251 -0.49 -12.61 3.81
N ASN A 252 0.39 -13.31 4.53
CA ASN A 252 1.63 -12.69 4.98
C ASN A 252 2.81 -13.49 4.48
N ALA A 253 3.16 -14.61 5.12
CA ALA A 253 4.23 -15.49 4.60
C ALA A 253 3.98 -15.91 3.14
N VAL A 254 2.73 -16.21 2.79
CA VAL A 254 2.44 -16.66 1.43
C VAL A 254 2.76 -15.57 0.41
N GLU A 255 2.51 -14.30 0.76
CA GLU A 255 2.80 -13.21 -0.16
C GLU A 255 4.30 -12.93 -0.24
N VAL A 256 5.01 -13.09 0.88
CA VAL A 256 6.49 -12.97 0.83
C VAL A 256 7.09 -14.05 -0.09
N ARG A 257 6.57 -15.27 0.01
CA ARG A 257 6.98 -16.36 -0.86
C ARG A 257 6.76 -15.98 -2.33
N GLU A 258 5.58 -15.42 -2.62
CA GLU A 258 5.28 -14.99 -3.97
C GLU A 258 6.26 -13.92 -4.46
N ALA A 259 6.60 -12.97 -3.58
CA ALA A 259 7.55 -11.92 -3.96
C ALA A 259 8.92 -12.48 -4.30
N VAL A 260 9.41 -13.43 -3.49
CA VAL A 260 10.71 -14.03 -3.76
C VAL A 260 10.68 -14.78 -5.10
N GLN A 261 9.65 -15.60 -5.33
CA GLN A 261 9.56 -16.38 -6.56
C GLN A 261 9.42 -15.49 -7.81
N PHE A 262 8.82 -14.31 -7.63
CA PHE A 262 8.66 -13.33 -8.69
C PHE A 262 10.05 -12.77 -8.99
N LEU A 263 10.79 -12.36 -7.95
CA LEU A 263 12.14 -11.81 -8.18
C LEU A 263 13.13 -12.80 -8.79
N THR A 264 13.02 -14.09 -8.45
CA THR A 264 13.96 -15.10 -8.97
C THR A 264 13.50 -15.63 -10.33
N GLY A 265 12.27 -15.29 -10.72
CA GLY A 265 11.72 -15.76 -12.00
C GLY A 265 11.14 -17.18 -12.02
N GLU A 266 11.00 -17.79 -10.85
CA GLU A 266 10.29 -19.07 -10.73
C GLU A 266 8.84 -18.93 -11.25
N TYR A 267 8.16 -17.86 -10.83
CA TYR A 267 6.75 -17.67 -11.18
C TYR A 267 6.41 -16.20 -11.11
N ARG A 268 5.71 -15.71 -12.12
CA ARG A 268 5.24 -14.31 -12.13
C ARG A 268 3.77 -14.24 -12.53
N ASN A 269 2.90 -13.95 -11.58
CA ASN A 269 1.51 -13.67 -11.92
C ASN A 269 1.52 -12.49 -12.91
N PRO A 270 0.85 -12.63 -14.06
CA PRO A 270 1.01 -11.63 -15.12
C PRO A 270 0.37 -10.28 -14.79
N ARG A 271 -0.70 -10.31 -14.00
CA ARG A 271 -1.38 -9.08 -13.61
C ARG A 271 -0.54 -8.35 -12.57
N LEU A 272 -0.04 -9.12 -11.60
CA LEU A 272 0.87 -8.56 -10.59
C LEU A 272 2.10 -7.98 -11.30
N PHE A 273 2.61 -8.70 -12.30
CA PHE A 273 3.74 -8.20 -13.08
C PHE A 273 3.40 -6.87 -13.76
N ASP A 274 2.26 -6.83 -14.43
CA ASP A 274 1.89 -5.62 -15.17
C ASP A 274 1.78 -4.39 -14.26
N VAL A 275 1.17 -4.55 -13.08
CA VAL A 275 1.00 -3.41 -12.17
C VAL A 275 2.37 -3.04 -11.56
N THR A 276 3.16 -4.03 -11.14
CA THR A 276 4.47 -3.78 -10.57
C THR A 276 5.35 -3.02 -11.58
N MET A 277 5.41 -3.53 -12.81
CA MET A 277 6.24 -2.91 -13.84
C MET A 277 5.77 -1.48 -14.14
N ALA A 278 4.46 -1.30 -14.25
CA ALA A 278 3.92 0.03 -14.58
C ALA A 278 4.28 1.06 -13.51
N LEU A 279 4.15 0.66 -12.24
CA LEU A 279 4.52 1.56 -11.15
C LEU A 279 6.01 1.88 -11.15
N CYS A 280 6.84 0.85 -11.37
CA CYS A 280 8.30 1.04 -11.42
C CYS A 280 8.69 1.99 -12.55
N VAL A 281 8.04 1.84 -13.70
CA VAL A 281 8.29 2.71 -14.85
C VAL A 281 8.04 4.18 -14.47
N GLU A 282 6.92 4.45 -13.78
CA GLU A 282 6.63 5.81 -13.32
C GLU A 282 7.75 6.35 -12.45
N MET A 283 8.23 5.51 -11.54
CA MET A 283 9.29 5.92 -10.64
C MET A 283 10.59 6.26 -11.39
N LEU A 284 10.97 5.43 -12.35
CA LEU A 284 12.18 5.72 -13.14
C LEU A 284 12.07 6.99 -13.97
N ILE A 285 10.92 7.19 -14.61
CA ILE A 285 10.73 8.40 -15.44
C ILE A 285 10.68 9.64 -14.54
N SER A 286 9.91 9.60 -13.47
CA SER A 286 9.78 10.77 -12.60
C SER A 286 11.11 11.07 -11.88
N GLY A 287 11.85 10.00 -11.57
CA GLY A 287 13.15 10.13 -10.92
C GLY A 287 14.29 10.42 -11.89
N LYS A 288 13.97 10.54 -13.18
CA LYS A 288 14.95 10.89 -14.23
C LYS A 288 16.04 9.85 -14.41
N LEU A 289 15.68 8.59 -14.16
CA LEU A 289 16.57 7.46 -14.36
C LEU A 289 16.37 6.85 -15.73
N ALA A 290 15.28 7.26 -16.40
CA ALA A 290 14.95 6.84 -17.76
C ALA A 290 14.14 7.96 -18.44
N LYS A 291 14.23 8.06 -19.76
CA LYS A 291 13.56 9.17 -20.46
C LYS A 291 12.19 8.80 -21.00
N ASP A 292 11.96 7.50 -21.22
CA ASP A 292 10.67 7.04 -21.72
C ASP A 292 10.32 5.67 -21.24
N ASP A 293 9.09 5.24 -21.55
CA ASP A 293 8.57 3.97 -21.06
C ASP A 293 9.44 2.79 -21.54
N ALA A 294 9.85 2.82 -22.81
CA ALA A 294 10.57 1.68 -23.37
C ALA A 294 11.92 1.51 -22.69
N GLU A 295 12.62 2.62 -22.48
CA GLU A 295 13.91 2.60 -21.78
C GLU A 295 13.76 2.13 -20.32
N ALA A 296 12.73 2.64 -19.64
CA ALA A 296 12.45 2.26 -18.24
C ALA A 296 12.20 0.75 -18.15
N ARG A 297 11.34 0.23 -19.03
N ARG A 297 11.35 0.24 -19.02
CA ARG A 297 11.00 -1.20 -19.04
CA ARG A 297 11.00 -1.19 -19.00
C ARG A 297 12.22 -2.06 -19.28
C ARG A 297 12.20 -2.07 -19.30
N ALA A 298 13.06 -1.64 -20.23
CA ALA A 298 14.30 -2.37 -20.53
C ALA A 298 15.21 -2.44 -19.30
N LYS A 299 15.36 -1.33 -18.59
CA LYS A 299 16.20 -1.30 -17.41
C LYS A 299 15.65 -2.19 -16.29
N LEU A 300 14.34 -2.14 -16.09
CA LEU A 300 13.68 -2.92 -15.04
C LEU A 300 13.71 -4.42 -15.37
N GLN A 301 13.42 -4.75 -16.63
CA GLN A 301 13.52 -6.15 -17.05
C GLN A 301 14.96 -6.66 -16.88
N ALA A 302 15.96 -5.81 -17.16
CA ALA A 302 17.36 -6.23 -16.99
C ALA A 302 17.71 -6.61 -15.56
N VAL A 303 17.22 -5.85 -14.58
CA VAL A 303 17.58 -6.14 -13.18
C VAL A 303 16.82 -7.36 -12.65
N LEU A 304 15.68 -7.68 -13.25
CA LEU A 304 15.04 -8.97 -12.97
C LEU A 304 15.91 -10.08 -13.59
N ASP A 305 16.27 -9.91 -14.86
CA ASP A 305 16.91 -10.99 -15.62
C ASP A 305 18.29 -11.34 -15.08
N ASN A 306 19.03 -10.34 -14.63
CA ASN A 306 20.40 -10.59 -14.16
C ASN A 306 20.52 -10.90 -12.66
N GLY A 307 19.38 -10.99 -11.98
CA GLY A 307 19.37 -11.36 -10.58
C GLY A 307 19.65 -10.20 -9.63
N LYS A 308 19.89 -9.00 -10.17
CA LYS A 308 20.23 -7.86 -9.32
C LYS A 308 19.09 -7.43 -8.38
N ALA A 309 17.85 -7.44 -8.89
CA ALA A 309 16.69 -7.08 -8.04
C ALA A 309 16.53 -8.06 -6.89
N ALA A 310 16.67 -9.37 -7.17
CA ALA A 310 16.58 -10.38 -6.12
C ALA A 310 17.70 -10.17 -5.10
N GLU A 311 18.89 -9.82 -5.58
CA GLU A 311 20.03 -9.55 -4.70
C GLU A 311 19.74 -8.34 -3.79
N VAL A 312 19.16 -7.28 -4.34
CA VAL A 312 18.85 -6.11 -3.52
C VAL A 312 17.82 -6.50 -2.44
N PHE A 313 16.83 -7.30 -2.80
CA PHE A 313 15.86 -7.76 -1.82
C PHE A 313 16.54 -8.53 -0.70
N GLY A 314 17.43 -9.46 -1.05
CA GLY A 314 18.19 -10.23 -0.05
C GLY A 314 19.00 -9.33 0.86
N ARG A 315 19.63 -8.32 0.27
CA ARG A 315 20.47 -7.40 1.03
C ARG A 315 19.61 -6.52 1.95
N MET A 316 18.42 -6.15 1.50
CA MET A 316 17.47 -5.38 2.31
C MET A 316 17.01 -6.19 3.51
N VAL A 317 16.62 -7.44 3.26
CA VAL A 317 16.21 -8.33 4.35
C VAL A 317 17.35 -8.48 5.37
N ALA A 318 18.58 -8.70 4.90
CA ALA A 318 19.70 -8.90 5.83
C ALA A 318 20.00 -7.61 6.61
N ALA A 319 19.93 -6.47 5.93
CA ALA A 319 20.20 -5.17 6.56
C ALA A 319 19.18 -4.87 7.65
N GLN A 320 17.93 -5.31 7.44
CA GLN A 320 16.86 -5.09 8.40
C GLN A 320 16.75 -6.26 9.39
N LYS A 321 17.83 -7.03 9.51
CA LYS A 321 18.00 -8.05 10.57
C LYS A 321 17.25 -9.37 10.33
N GLY A 322 16.71 -9.54 9.12
CA GLY A 322 16.25 -10.86 8.70
C GLY A 322 17.46 -11.74 8.34
N PRO A 323 17.22 -12.98 7.90
CA PRO A 323 18.34 -13.89 7.65
C PRO A 323 19.21 -13.43 6.49
N THR A 324 20.50 -13.71 6.56
CA THR A 324 21.44 -13.33 5.51
C THR A 324 21.30 -14.20 4.25
N ASP A 325 20.66 -15.35 4.41
CA ASP A 325 20.45 -16.26 3.29
C ASP A 325 18.97 -16.42 2.97
N PHE A 326 18.19 -15.35 3.15
CA PHE A 326 16.75 -15.47 3.02
C PHE A 326 16.24 -15.84 1.62
N VAL A 327 16.79 -15.21 0.57
CA VAL A 327 16.33 -15.52 -0.81
C VAL A 327 16.51 -17.00 -1.14
N GLU A 328 17.69 -17.54 -0.84
CA GLU A 328 17.96 -18.94 -1.19
C GLU A 328 17.22 -19.91 -0.27
N ASN A 329 17.02 -19.51 0.98
CA ASN A 329 16.52 -20.44 1.99
C ASN A 329 15.18 -20.02 2.61
N TYR A 330 14.39 -19.25 1.88
CA TYR A 330 13.14 -18.73 2.44
C TYR A 330 12.21 -19.82 2.98
N ALA A 331 12.23 -21.01 2.37
CA ALA A 331 11.28 -22.06 2.71
C ALA A 331 11.44 -22.52 4.15
N LYS A 332 12.68 -22.49 4.66
CA LYS A 332 12.91 -22.88 6.04
C LYS A 332 12.56 -21.78 7.05
N TYR A 333 12.53 -20.53 6.60
CA TYR A 333 12.27 -19.41 7.50
C TYR A 333 10.80 -19.01 7.59
N LEU A 334 10.11 -19.07 6.45
CA LEU A 334 8.71 -18.65 6.45
C LEU A 334 7.84 -19.73 7.07
N PRO A 335 6.96 -19.35 8.01
CA PRO A 335 6.21 -20.40 8.70
C PRO A 335 5.12 -21.05 7.84
N THR A 336 4.99 -22.36 7.99
CA THR A 336 4.03 -23.21 7.27
C THR A 336 2.74 -23.32 8.09
N ALA A 337 1.59 -23.33 7.44
CA ALA A 337 0.30 -23.47 8.15
C ALA A 337 0.07 -24.90 8.60
N MET A 338 -0.79 -25.07 9.61
CA MET A 338 -1.09 -26.41 10.07
C MET A 338 -1.77 -27.27 9.00
N LEU A 339 -2.71 -26.68 8.26
CA LEU A 339 -3.49 -27.40 7.26
C LEU A 339 -3.51 -26.59 5.96
N THR A 340 -3.05 -27.21 4.88
CA THR A 340 -3.07 -26.59 3.57
C THR A 340 -3.88 -27.51 2.67
N LYS A 341 -4.97 -26.98 2.13
CA LYS A 341 -5.89 -27.81 1.37
C LYS A 341 -6.63 -26.94 0.38
N ALA A 342 -6.80 -27.46 -0.83
CA ALA A 342 -7.55 -26.76 -1.86
C ALA A 342 -9.04 -26.69 -1.54
N VAL A 343 -9.66 -25.58 -1.92
CA VAL A 343 -11.11 -25.44 -1.91
C VAL A 343 -11.64 -25.43 -3.33
N TYR A 344 -12.54 -26.36 -3.62
CA TYR A 344 -13.12 -26.48 -4.95
C TYR A 344 -14.50 -25.82 -4.96
N ALA A 345 -14.83 -25.20 -6.10
CA ALA A 345 -16.19 -24.71 -6.33
C ALA A 345 -17.21 -25.85 -6.31
N ASP A 346 -18.45 -25.50 -5.98
CA ASP A 346 -19.55 -26.47 -5.94
C ASP A 346 -20.03 -26.93 -7.33
N THR A 347 -19.74 -26.12 -8.35
CA THR A 347 -20.12 -26.40 -9.73
C THR A 347 -18.93 -26.12 -10.66
N GLU A 348 -19.03 -26.59 -11.89
CA GLU A 348 -18.07 -26.29 -12.94
C GLU A 348 -18.45 -24.94 -13.55
N GLY A 349 -17.46 -24.17 -14.00
CA GLY A 349 -17.74 -22.94 -14.75
C GLY A 349 -16.56 -21.99 -14.80
N PHE A 350 -16.80 -20.79 -15.34
CA PHE A 350 -15.78 -19.75 -15.38
C PHE A 350 -15.92 -18.84 -14.17
N VAL A 351 -14.77 -18.45 -13.62
CA VAL A 351 -14.76 -17.47 -12.54
C VAL A 351 -15.20 -16.14 -13.13
N SER A 352 -16.29 -15.62 -12.59
CA SER A 352 -16.99 -14.50 -13.19
C SER A 352 -16.96 -13.23 -12.33
N GLU A 353 -17.19 -13.38 -11.02
CA GLU A 353 -17.16 -12.26 -10.08
C GLU A 353 -16.40 -12.67 -8.88
N MET A 354 -15.54 -11.81 -8.37
N MET A 354 -15.54 -11.79 -8.37
CA MET A 354 -14.92 -12.11 -7.10
CA MET A 354 -14.82 -12.03 -7.12
C MET A 354 -14.95 -10.88 -6.19
C MET A 354 -14.98 -10.83 -6.20
N ASP A 355 -15.69 -11.02 -5.10
CA ASP A 355 -15.85 -9.98 -4.09
C ASP A 355 -14.54 -9.92 -3.29
N THR A 356 -13.69 -8.98 -3.67
CA THR A 356 -12.34 -8.95 -3.17
C THR A 356 -12.33 -8.40 -1.74
N ARG A 357 -13.31 -7.56 -1.41
CA ARG A 357 -13.46 -7.14 -0.02
C ARG A 357 -13.75 -8.37 0.86
N ALA A 358 -14.68 -9.22 0.43
CA ALA A 358 -15.02 -10.43 1.19
C ALA A 358 -13.84 -11.39 1.29
N LEU A 359 -13.05 -11.52 0.22
CA LEU A 359 -11.83 -12.35 0.30
C LEU A 359 -10.85 -11.80 1.32
N GLY A 360 -10.66 -10.48 1.32
CA GLY A 360 -9.79 -9.82 2.32
C GLY A 360 -10.28 -10.07 3.74
N MET A 361 -11.59 -10.00 3.94
CA MET A 361 -12.15 -10.25 5.26
C MET A 361 -12.01 -11.70 5.68
N ALA A 362 -12.05 -12.62 4.71
CA ALA A 362 -11.83 -14.04 5.02
C ALA A 362 -10.42 -14.28 5.60
N VAL A 363 -9.43 -13.59 5.05
CA VAL A 363 -8.05 -13.69 5.55
C VAL A 363 -7.96 -13.15 6.99
N VAL A 364 -8.61 -12.02 7.23
CA VAL A 364 -8.69 -11.46 8.60
C VAL A 364 -9.29 -12.51 9.55
N ALA A 365 -10.41 -13.10 9.13
CA ALA A 365 -11.13 -14.09 9.96
C ALA A 365 -10.29 -15.34 10.26
N MET A 366 -9.44 -15.72 9.32
N MET A 366 -9.43 -15.71 9.33
CA MET A 366 -8.48 -16.82 9.48
CA MET A 366 -8.49 -16.82 9.49
C MET A 366 -7.39 -16.54 10.50
C MET A 366 -7.41 -16.54 10.53
N GLY A 367 -7.26 -15.27 10.90
CA GLY A 367 -6.20 -14.85 11.79
C GLY A 367 -5.02 -14.23 11.07
N GLY A 368 -5.19 -13.95 9.78
CA GLY A 368 -4.11 -13.35 8.99
C GLY A 368 -4.11 -11.84 9.00
N GLY A 369 -5.07 -11.24 9.71
CA GLY A 369 -5.18 -9.80 9.88
C GLY A 369 -5.84 -9.54 11.24
N ARG A 370 -6.12 -8.27 11.53
CA ARG A 370 -6.64 -7.87 12.83
C ARG A 370 -8.03 -7.26 12.73
N ARG A 371 -8.86 -7.51 13.75
CA ARG A 371 -10.12 -6.77 13.90
C ARG A 371 -9.98 -5.64 14.90
N GLN A 372 -9.15 -5.86 15.92
CA GLN A 372 -8.70 -4.77 16.79
C GLN A 372 -7.18 -4.73 16.84
N ALA A 373 -6.61 -3.58 17.21
CA ALA A 373 -5.17 -3.35 17.09
C ALA A 373 -4.35 -4.33 17.91
N SER A 374 -4.93 -4.79 19.03
CA SER A 374 -4.24 -5.74 19.90
C SER A 374 -4.23 -7.16 19.38
N ASP A 375 -4.95 -7.43 18.28
CA ASP A 375 -5.02 -8.79 17.73
C ASP A 375 -3.66 -9.27 17.27
N THR A 376 -3.44 -10.57 17.44
CA THR A 376 -2.20 -11.21 17.07
C THR A 376 -2.40 -11.95 15.75
N ILE A 377 -1.47 -11.73 14.82
CA ILE A 377 -1.53 -12.38 13.50
C ILE A 377 -0.89 -13.77 13.51
N ASP A 378 -1.55 -14.71 12.84
CA ASP A 378 -0.92 -15.97 12.46
C ASP A 378 -0.34 -15.70 11.07
N TYR A 379 0.99 -15.76 10.96
CA TYR A 379 1.71 -15.33 9.74
C TYR A 379 1.66 -16.35 8.60
N SER A 380 1.17 -17.55 8.91
CA SER A 380 1.23 -18.66 7.96
C SER A 380 -0.06 -18.79 7.14
N VAL A 381 -1.15 -18.21 7.63
CA VAL A 381 -2.47 -18.47 7.05
C VAL A 381 -2.72 -17.58 5.82
N GLY A 382 -3.65 -18.01 4.97
CA GLY A 382 -4.04 -17.22 3.81
C GLY A 382 -4.33 -18.10 2.61
N PHE A 383 -4.28 -17.49 1.43
CA PHE A 383 -4.62 -18.20 0.20
C PHE A 383 -3.44 -18.20 -0.75
N THR A 384 -3.28 -19.30 -1.48
CA THR A 384 -2.36 -19.34 -2.61
C THR A 384 -3.13 -19.94 -3.79
N ASP A 385 -2.49 -19.99 -4.96
CA ASP A 385 -3.11 -20.64 -6.13
C ASP A 385 -4.50 -20.03 -6.42
N MET A 386 -4.63 -18.73 -6.27
CA MET A 386 -5.91 -18.09 -6.51
C MET A 386 -6.34 -18.29 -7.96
N ALA A 387 -7.58 -18.71 -8.15
CA ALA A 387 -8.17 -18.67 -9.49
C ALA A 387 -8.32 -17.21 -9.90
N ARG A 388 -8.19 -16.95 -11.20
CA ARG A 388 -8.36 -15.59 -11.75
C ARG A 388 -9.70 -15.52 -12.46
N LEU A 389 -10.24 -14.30 -12.57
CA LEU A 389 -11.41 -14.08 -13.43
C LEU A 389 -11.16 -14.68 -14.80
N GLY A 390 -12.12 -15.46 -15.31
CA GLY A 390 -11.98 -16.09 -16.63
C GLY A 390 -11.35 -17.49 -16.61
N ASP A 391 -10.89 -17.93 -15.44
CA ASP A 391 -10.41 -19.30 -15.30
C ASP A 391 -11.57 -20.27 -15.28
N GLN A 392 -11.42 -21.38 -16.00
CA GLN A 392 -12.35 -22.49 -15.91
C GLN A 392 -12.04 -23.30 -14.65
N VAL A 393 -13.00 -23.44 -13.75
CA VAL A 393 -12.78 -24.23 -12.53
C VAL A 393 -13.59 -25.53 -12.54
N ASP A 394 -12.95 -26.59 -12.04
CA ASP A 394 -13.54 -27.94 -11.94
C ASP A 394 -12.71 -28.75 -10.94
N GLY A 395 -12.89 -30.07 -10.94
CA GLY A 395 -12.13 -30.97 -10.06
C GLY A 395 -10.62 -30.85 -10.22
N GLN A 396 -10.17 -30.28 -11.33
CA GLN A 396 -8.74 -30.09 -11.54
C GLN A 396 -8.24 -28.67 -11.35
N ARG A 397 -9.14 -27.72 -11.11
CA ARG A 397 -8.70 -26.37 -10.76
C ARG A 397 -9.52 -25.84 -9.60
N PRO A 398 -8.91 -25.74 -8.42
CA PRO A 398 -9.63 -25.19 -7.28
C PRO A 398 -9.81 -23.66 -7.38
N LEU A 399 -10.69 -23.12 -6.55
CA LEU A 399 -10.83 -21.67 -6.41
C LEU A 399 -9.58 -21.05 -5.77
N ALA A 400 -8.98 -21.79 -4.83
CA ALA A 400 -7.79 -21.36 -4.09
C ALA A 400 -7.28 -22.53 -3.29
N VAL A 401 -6.04 -22.41 -2.80
CA VAL A 401 -5.53 -23.34 -1.81
C VAL A 401 -5.52 -22.55 -0.50
N ILE A 402 -6.18 -23.08 0.53
CA ILE A 402 -6.30 -22.38 1.80
C ILE A 402 -5.28 -22.93 2.79
N HIS A 403 -4.50 -22.02 3.38
CA HIS A 403 -3.54 -22.33 4.42
C HIS A 403 -4.16 -21.92 5.73
N ALA A 404 -4.43 -22.88 6.60
CA ALA A 404 -5.17 -22.59 7.83
C ALA A 404 -4.46 -23.10 9.09
N LYS A 405 -4.75 -22.50 10.24
CA LYS A 405 -3.98 -22.74 11.47
C LYS A 405 -4.41 -23.98 12.23
N ASP A 406 -5.57 -24.48 11.82
CA ASP A 406 -6.15 -25.71 12.34
C ASP A 406 -7.35 -26.02 11.41
N GLU A 407 -7.98 -27.18 11.53
CA GLU A 407 -9.07 -27.60 10.59
C GLU A 407 -10.43 -26.90 10.72
N ASN A 408 -10.76 -26.44 11.90
CA ASN A 408 -12.00 -25.72 12.09
C ASN A 408 -11.97 -24.39 11.31
N ASN A 409 -10.84 -23.72 11.45
CA ASN A 409 -10.54 -22.49 10.75
C ASN A 409 -10.62 -22.68 9.23
N TRP A 410 -10.09 -23.81 8.76
CA TRP A 410 -10.10 -24.12 7.33
C TRP A 410 -11.50 -24.15 6.76
N GLN A 411 -12.42 -24.79 7.48
CA GLN A 411 -13.80 -24.91 6.99
C GLN A 411 -14.50 -23.57 6.87
N GLU A 412 -14.29 -22.70 7.86
CA GLU A 412 -14.84 -21.36 7.84
C GLU A 412 -14.31 -20.58 6.63
N ALA A 413 -13.00 -20.69 6.38
CA ALA A 413 -12.37 -20.00 5.25
C ALA A 413 -12.89 -20.53 3.89
N ALA A 414 -13.04 -21.85 3.79
CA ALA A 414 -13.57 -22.44 2.56
C ALA A 414 -14.98 -21.94 2.26
N LYS A 415 -15.84 -21.88 3.27
CA LYS A 415 -17.18 -21.30 3.08
C LYS A 415 -17.12 -19.85 2.58
N ALA A 416 -16.20 -19.07 3.14
CA ALA A 416 -16.10 -17.65 2.80
C ALA A 416 -15.59 -17.43 1.37
N VAL A 417 -14.63 -18.26 0.97
CA VAL A 417 -14.11 -18.19 -0.41
C VAL A 417 -15.21 -18.54 -1.41
N LYS A 418 -15.92 -19.62 -1.16
CA LYS A 418 -17.00 -20.04 -2.05
C LYS A 418 -18.09 -18.95 -2.11
N ALA A 419 -18.40 -18.35 -0.97
CA ALA A 419 -19.41 -17.29 -0.90
C ALA A 419 -19.02 -16.01 -1.67
N ALA A 420 -17.72 -15.76 -1.77
CA ALA A 420 -17.21 -14.53 -2.38
C ALA A 420 -17.08 -14.59 -3.90
N ILE A 421 -17.21 -15.80 -4.45
CA ILE A 421 -16.93 -16.00 -5.86
C ILE A 421 -18.14 -16.53 -6.60
N LYS A 422 -18.48 -15.85 -7.70
CA LYS A 422 -19.54 -16.29 -8.60
C LYS A 422 -18.96 -16.88 -9.86
N LEU A 423 -19.58 -17.98 -10.30
CA LEU A 423 -19.21 -18.62 -11.55
C LEU A 423 -20.27 -18.32 -12.60
N ALA A 424 -19.88 -18.39 -13.87
CA ALA A 424 -20.85 -18.25 -14.97
C ALA A 424 -20.50 -19.21 -16.10
N ASP A 425 -21.42 -19.38 -17.05
CA ASP A 425 -21.19 -20.33 -18.14
C ASP A 425 -20.29 -19.75 -19.24
N LYS A 426 -19.96 -18.46 -19.13
CA LYS A 426 -19.04 -17.79 -20.04
C LYS A 426 -18.06 -16.98 -19.22
N ALA A 427 -16.84 -16.79 -19.73
CA ALA A 427 -15.86 -15.92 -19.10
C ALA A 427 -16.31 -14.46 -19.20
N PRO A 428 -16.02 -13.66 -18.16
CA PRO A 428 -16.38 -12.25 -18.22
C PRO A 428 -15.46 -11.47 -19.17
N GLU A 429 -15.93 -10.30 -19.62
CA GLU A 429 -15.08 -9.44 -20.43
C GLU A 429 -13.80 -9.04 -19.71
N SER A 430 -12.70 -9.04 -20.47
CA SER A 430 -11.41 -8.52 -20.06
C SER A 430 -11.53 -7.14 -19.47
N THR A 431 -10.65 -6.84 -18.53
CA THR A 431 -10.47 -5.48 -18.04
C THR A 431 -8.98 -5.18 -17.99
N PRO A 432 -8.60 -3.91 -18.24
CA PRO A 432 -7.18 -3.58 -18.10
C PRO A 432 -6.73 -3.72 -16.64
N THR A 433 -5.46 -4.00 -16.45
CA THR A 433 -4.91 -3.98 -15.11
C THR A 433 -4.58 -2.55 -14.72
N VAL A 434 -4.19 -1.74 -15.70
CA VAL A 434 -3.92 -0.32 -15.48
C VAL A 434 -4.87 0.47 -16.36
N TYR A 435 -5.80 1.19 -15.72
CA TYR A 435 -6.87 1.88 -16.44
C TYR A 435 -6.40 3.16 -17.03
N ARG A 436 -5.53 3.84 -16.28
CA ARG A 436 -5.02 5.08 -16.75
C ARG A 436 -3.97 5.75 -15.86
N ARG A 437 -3.25 6.69 -16.44
CA ARG A 437 -2.17 7.42 -15.77
C ARG A 437 -2.55 8.89 -15.61
N ILE A 438 -2.36 9.41 -14.40
CA ILE A 438 -2.65 10.81 -14.10
C ILE A 438 -1.34 11.53 -13.78
N SER A 439 -1.08 12.62 -14.51
CA SER A 439 0.13 13.41 -14.27
C SER A 439 -0.25 14.85 -13.99
N GLU A 440 0.73 15.69 -13.62
CA GLU A 440 0.43 17.09 -13.29
C GLU A 440 -0.34 17.81 -14.40
#